data_5AUV
#
_entry.id   5AUV
#
_cell.length_a   46.884
_cell.length_b   62.227
_cell.length_c   88.446
_cell.angle_alpha   90.00
_cell.angle_beta   90.00
_cell.angle_gamma   90.00
#
_symmetry.space_group_name_H-M   'P 21 21 21'
#
loop_
_entity.id
_entity.type
_entity.pdbx_description
1 polymer 'Death-associated protein kinase 1'
2 non-polymer 5,7-dihydroxy-2-(4-hydroxyphenyl)-4H-chromen-4-one
3 non-polymer 'CHLORIDE ION'
4 water water
#
_entity_poly.entity_id   1
_entity_poly.type   'polypeptide(L)'
_entity_poly.pdbx_seq_one_letter_code
;MTVFRQENVDDYYDTGEELGSGQFAVVKKCREKSTGLQYAAKFIKKRRTKSSRRGVSREDIEREVSILKEIQHPNVITLH
EVYENKTDVILILELVAGGELFDFLAEKESLTEEEATEFLKQILNGVYYLHSLQIAHFDLKPENIMLLDRNVPKPRIKII
DFGLAHKIDFGNEFKNIFGTPEFVAPEIVNYEPLGLEADMWSIGVITYILLSGASPFLGDTKQETLANVSAVNYEFEDEY
FSNTSALAKDFIRRLLVKDPKKRMTIQDSLQHPWIKPKDTQQALSLEHHHHHH
;
_entity_poly.pdbx_strand_id   A
#
# COMPACT_ATOMS: atom_id res chain seq x y z
N THR A 2 -23.32 -7.63 1.73
CA THR A 2 -23.95 -6.67 0.82
C THR A 2 -23.78 -7.10 -0.64
N VAL A 3 -24.83 -6.92 -1.44
CA VAL A 3 -24.78 -7.38 -2.82
C VAL A 3 -24.43 -6.26 -3.79
N PHE A 4 -23.81 -6.65 -4.91
CA PHE A 4 -23.29 -5.69 -5.87
C PHE A 4 -24.05 -5.82 -7.20
N ARG A 5 -23.76 -4.94 -8.15
CA ARG A 5 -24.44 -4.93 -9.44
C ARG A 5 -24.19 -6.22 -10.21
N GLN A 6 -25.26 -6.90 -10.61
CA GLN A 6 -25.08 -8.20 -11.26
C GLN A 6 -25.35 -8.21 -12.75
N GLU A 7 -25.59 -7.04 -13.32
CA GLU A 7 -25.57 -6.92 -14.77
C GLU A 7 -24.17 -7.23 -15.27
N ASN A 8 -24.07 -7.72 -16.51
CA ASN A 8 -22.76 -8.03 -17.08
C ASN A 8 -21.95 -6.75 -17.20
N VAL A 9 -20.75 -6.75 -16.64
CA VAL A 9 -19.94 -5.53 -16.69
C VAL A 9 -19.62 -5.14 -18.14
N ASP A 10 -19.57 -6.15 -19.01
CA ASP A 10 -19.30 -5.93 -20.43
C ASP A 10 -20.40 -5.15 -21.14
N ASP A 11 -21.57 -5.07 -20.50
CA ASP A 11 -22.66 -4.27 -21.05
C ASP A 11 -22.39 -2.78 -20.90
N TYR A 12 -21.52 -2.44 -19.95
CA TYR A 12 -21.32 -1.05 -19.57
C TYR A 12 -19.88 -0.57 -19.76
N TYR A 13 -18.95 -1.50 -19.85
CA TYR A 13 -17.53 -1.18 -19.99
C TYR A 13 -16.86 -2.00 -21.08
N ASP A 14 -15.83 -1.43 -21.70
CA ASP A 14 -14.93 -2.15 -22.59
C ASP A 14 -13.56 -2.20 -21.95
N THR A 15 -12.96 -3.38 -21.89
CA THR A 15 -11.63 -3.50 -21.30
C THR A 15 -10.54 -3.38 -22.36
N GLY A 16 -9.34 -3.04 -21.92
CA GLY A 16 -8.18 -2.90 -22.79
C GLY A 16 -6.93 -3.49 -22.17
N GLU A 17 -5.88 -2.69 -22.08
CA GLU A 17 -4.58 -3.14 -21.59
C GLU A 17 -4.69 -3.72 -20.18
N GLU A 18 -3.98 -4.80 -19.92
CA GLU A 18 -3.89 -5.32 -18.57
C GLU A 18 -2.84 -4.55 -17.79
N LEU A 19 -3.20 -4.13 -16.58
CA LEU A 19 -2.31 -3.31 -15.79
C LEU A 19 -1.43 -4.16 -14.89
N GLY A 20 -1.97 -5.28 -14.43
CA GLY A 20 -1.20 -6.21 -13.63
C GLY A 20 -2.06 -7.31 -13.06
N SER A 21 -1.43 -8.29 -12.43
CA SER A 21 -2.16 -9.36 -11.76
C SER A 21 -1.37 -9.89 -10.58
N GLY A 22 -2.10 -10.43 -9.60
CA GLY A 22 -1.48 -11.04 -8.45
C GLY A 22 -2.13 -12.38 -8.20
N GLN A 23 -2.13 -12.83 -6.94
CA GLN A 23 -2.63 -14.15 -6.59
C GLN A 23 -4.11 -14.35 -6.88
N PHE A 24 -4.95 -13.40 -6.48
CA PHE A 24 -6.39 -13.59 -6.62
C PHE A 24 -7.08 -12.48 -7.40
N ALA A 25 -6.30 -11.58 -7.99
CA ALA A 25 -6.88 -10.47 -8.73
C ALA A 25 -6.12 -10.16 -10.03
N VAL A 26 -6.85 -9.67 -11.02
CA VAL A 26 -6.24 -9.12 -12.23
C VAL A 26 -6.86 -7.75 -12.50
N VAL A 27 -6.05 -6.80 -12.93
CA VAL A 27 -6.51 -5.43 -13.15
C VAL A 27 -6.36 -5.06 -14.60
N LYS A 28 -7.48 -4.66 -15.21
CA LYS A 28 -7.55 -4.28 -16.63
C LYS A 28 -7.98 -2.84 -16.77
N LYS A 29 -7.30 -2.09 -17.63
CA LYS A 29 -7.79 -0.77 -18.03
C LYS A 29 -9.17 -0.96 -18.67
N CYS A 30 -10.07 -0.01 -18.46
CA CYS A 30 -11.37 -0.09 -19.07
C CYS A 30 -11.94 1.29 -19.36
N ARG A 31 -13.01 1.32 -20.14
CA ARG A 31 -13.66 2.56 -20.51
C ARG A 31 -15.16 2.41 -20.39
N GLU A 32 -15.80 3.34 -19.69
CA GLU A 32 -17.24 3.30 -19.48
C GLU A 32 -17.94 3.74 -20.75
N LYS A 33 -18.87 2.93 -21.25
CA LYS A 33 -19.52 3.23 -22.54
C LYS A 33 -20.30 4.54 -22.53
N SER A 34 -20.96 4.82 -21.41
CA SER A 34 -21.87 5.96 -21.32
C SER A 34 -21.16 7.32 -21.23
N THR A 35 -19.89 7.32 -20.81
CA THR A 35 -19.20 8.57 -20.52
C THR A 35 -17.86 8.71 -21.26
N GLY A 36 -17.36 7.59 -21.75
CA GLY A 36 -16.04 7.54 -22.36
C GLY A 36 -14.90 7.70 -21.37
N LEU A 37 -15.24 7.76 -20.08
CA LEU A 37 -14.23 7.90 -19.04
C LEU A 37 -13.55 6.58 -18.74
N GLN A 38 -12.29 6.66 -18.35
CA GLN A 38 -11.46 5.48 -18.18
C GLN A 38 -11.22 5.15 -16.72
N TYR A 39 -11.14 3.84 -16.45
CA TYR A 39 -11.02 3.30 -15.10
C TYR A 39 -10.10 2.10 -15.09
N ALA A 40 -9.83 1.59 -13.89
CA ALA A 40 -9.14 0.31 -13.76
C ALA A 40 -10.13 -0.69 -13.19
N ALA A 41 -10.36 -1.79 -13.91
CA ALA A 41 -11.28 -2.82 -13.43
C ALA A 41 -10.48 -3.92 -12.74
N LYS A 42 -10.71 -4.07 -11.42
CA LYS A 42 -10.03 -5.10 -10.66
C LYS A 42 -10.96 -6.30 -10.46
N PHE A 43 -10.60 -7.41 -11.09
CA PHE A 43 -11.41 -8.63 -11.01
C PHE A 43 -10.86 -9.48 -9.87
N ILE A 44 -11.65 -9.62 -8.81
CA ILE A 44 -11.24 -10.39 -7.64
C ILE A 44 -11.93 -11.76 -7.66
N LYS A 45 -11.15 -12.83 -7.71
CA LYS A 45 -11.71 -14.18 -7.76
C LYS A 45 -12.39 -14.54 -6.45
N LYS A 46 -13.65 -14.96 -6.53
CA LYS A 46 -14.42 -15.39 -5.37
C LYS A 46 -14.05 -16.79 -4.90
N ARG A 47 -14.25 -17.03 -3.61
CA ARG A 47 -14.26 -18.38 -3.03
C ARG A 47 -15.48 -19.13 -3.51
N ARG A 48 -15.34 -20.38 -3.89
CA ARG A 48 -16.50 -21.11 -4.38
C ARG A 48 -16.98 -22.23 -3.46
N THR A 49 -16.28 -22.44 -2.35
CA THR A 49 -16.81 -23.23 -1.24
C THR A 49 -16.38 -22.54 0.05
N LYS A 50 -17.08 -22.81 1.14
CA LYS A 50 -16.81 -22.14 2.41
C LYS A 50 -15.40 -22.44 2.92
N SER A 51 -14.98 -23.70 2.81
CA SER A 51 -13.72 -24.14 3.39
C SER A 51 -12.55 -24.14 2.42
N SER A 52 -12.70 -23.48 1.28
CA SER A 52 -11.62 -23.41 0.30
C SER A 52 -10.55 -22.39 0.69
N ARG A 53 -9.36 -22.58 0.15
CA ARG A 53 -8.24 -21.66 0.38
C ARG A 53 -7.98 -20.84 -0.88
N ARG A 54 -8.67 -21.18 -1.96
CA ARG A 54 -8.54 -20.47 -3.22
C ARG A 54 -9.58 -19.36 -3.30
N GLY A 55 -9.22 -18.27 -3.99
CA GLY A 55 -10.10 -17.12 -4.09
C GLY A 55 -10.16 -16.34 -2.80
N VAL A 56 -10.93 -15.26 -2.79
CA VAL A 56 -11.03 -14.38 -1.64
C VAL A 56 -12.40 -14.55 -1.01
N SER A 57 -12.44 -14.69 0.32
CA SER A 57 -13.70 -14.85 1.02
C SER A 57 -14.59 -13.63 0.86
N ARG A 58 -15.91 -13.83 0.90
CA ARG A 58 -16.85 -12.72 0.80
C ARG A 58 -16.57 -11.67 1.85
N GLU A 59 -16.25 -12.12 3.05
CA GLU A 59 -15.99 -11.21 4.15
C GLU A 59 -14.83 -10.30 3.81
N ASP A 60 -13.77 -10.88 3.25
CA ASP A 60 -12.59 -10.10 2.88
C ASP A 60 -12.86 -9.15 1.72
N ILE A 61 -13.67 -9.58 0.75
CA ILE A 61 -14.03 -8.69 -0.35
C ILE A 61 -14.86 -7.52 0.15
N GLU A 62 -15.86 -7.83 0.99
CA GLU A 62 -16.75 -6.79 1.51
C GLU A 62 -16.02 -5.77 2.36
N ARG A 63 -14.99 -6.22 3.08
CA ARG A 63 -14.20 -5.30 3.89
C ARG A 63 -13.45 -4.31 3.01
N GLU A 64 -12.82 -4.81 1.95
CA GLU A 64 -12.09 -3.94 1.02
C GLU A 64 -13.04 -2.93 0.37
N VAL A 65 -14.19 -3.41 -0.09
CA VAL A 65 -15.18 -2.52 -0.68
C VAL A 65 -15.69 -1.47 0.31
N SER A 66 -15.97 -1.89 1.55
CA SER A 66 -16.46 -0.95 2.56
C SER A 66 -15.44 0.15 2.84
N ILE A 67 -14.17 -0.21 2.92
CA ILE A 67 -13.12 0.76 3.16
C ILE A 67 -12.99 1.72 1.99
N LEU A 68 -12.96 1.17 0.78
CA LEU A 68 -12.84 1.98 -0.43
C LEU A 68 -14.00 2.97 -0.55
N LYS A 69 -15.20 2.54 -0.18
CA LYS A 69 -16.35 3.44 -0.28
C LYS A 69 -16.22 4.66 0.64
N GLU A 70 -15.48 4.51 1.74
CA GLU A 70 -15.31 5.62 2.69
C GLU A 70 -14.37 6.72 2.19
N ILE A 71 -13.37 6.33 1.40
CA ILE A 71 -12.23 7.22 1.18
C ILE A 71 -12.35 8.13 -0.05
N GLN A 72 -11.99 9.41 0.16
CA GLN A 72 -11.88 10.35 -0.95
C GLN A 72 -10.79 11.35 -0.60
N HIS A 73 -9.63 11.19 -1.24
CA HIS A 73 -8.46 12.00 -0.95
C HIS A 73 -7.54 11.93 -2.16
N PRO A 74 -6.84 13.05 -2.50
CA PRO A 74 -6.02 13.05 -3.71
C PRO A 74 -4.94 11.96 -3.74
N ASN A 75 -4.52 11.47 -2.58
CA ASN A 75 -3.45 10.48 -2.53
C ASN A 75 -3.89 9.05 -2.28
N VAL A 76 -5.19 8.80 -2.42
CA VAL A 76 -5.68 7.43 -2.32
C VAL A 76 -6.58 7.15 -3.51
N ILE A 77 -6.59 5.89 -3.94
CA ILE A 77 -7.41 5.47 -5.05
C ILE A 77 -8.88 5.60 -4.67
N THR A 78 -9.73 5.93 -5.63
CA THR A 78 -11.16 5.94 -5.31
C THR A 78 -11.95 4.93 -6.11
N LEU A 79 -13.04 4.50 -5.49
CA LEU A 79 -13.89 3.48 -6.06
C LEU A 79 -15.06 4.12 -6.81
N HIS A 80 -15.31 3.64 -8.02
CA HIS A 80 -16.37 4.19 -8.86
C HIS A 80 -17.63 3.33 -8.82
N GLU A 81 -17.49 2.03 -9.04
CA GLU A 81 -18.61 1.09 -9.02
C GLU A 81 -18.15 -0.30 -8.60
N VAL A 82 -19.09 -1.15 -8.19
CA VAL A 82 -18.79 -2.55 -7.96
C VAL A 82 -19.78 -3.45 -8.69
N TYR A 83 -19.27 -4.41 -9.45
CA TYR A 83 -20.10 -5.43 -10.08
C TYR A 83 -19.73 -6.79 -9.52
N GLU A 84 -20.59 -7.78 -9.77
CA GLU A 84 -20.20 -9.15 -9.42
C GLU A 84 -20.94 -10.15 -10.28
N ASN A 85 -20.34 -11.32 -10.42
CA ASN A 85 -21.01 -12.46 -11.02
C ASN A 85 -20.60 -13.69 -10.23
N LYS A 86 -20.91 -14.88 -10.73
CA LYS A 86 -20.63 -16.09 -9.97
C LYS A 86 -19.15 -16.28 -9.64
N THR A 87 -18.27 -15.78 -10.51
CA THR A 87 -16.83 -16.05 -10.37
C THR A 87 -16.02 -14.92 -9.74
N ASP A 88 -16.44 -13.68 -9.97
CA ASP A 88 -15.64 -12.51 -9.60
C ASP A 88 -16.46 -11.41 -8.95
N VAL A 89 -15.80 -10.63 -8.10
CA VAL A 89 -16.28 -9.28 -7.80
C VAL A 89 -15.36 -8.38 -8.59
N ILE A 90 -15.95 -7.39 -9.27
CA ILE A 90 -15.23 -6.50 -10.16
C ILE A 90 -15.32 -5.07 -9.61
N LEU A 91 -14.20 -4.55 -9.13
CA LEU A 91 -14.18 -3.19 -8.62
C LEU A 91 -13.80 -2.26 -9.78
N ILE A 92 -14.64 -1.27 -10.06
CA ILE A 92 -14.28 -0.27 -11.06
C ILE A 92 -13.62 0.87 -10.30
N LEU A 93 -12.30 0.98 -10.44
CA LEU A 93 -11.50 1.91 -9.64
C LEU A 93 -10.94 3.06 -10.48
N GLU A 94 -10.57 4.13 -9.82
CA GLU A 94 -9.88 5.23 -10.49
C GLU A 94 -8.65 4.70 -11.23
N LEU A 95 -8.44 5.18 -12.45
CA LEU A 95 -7.27 4.78 -13.26
C LEU A 95 -6.07 5.65 -12.93
N VAL A 96 -4.98 5.00 -12.52
CA VAL A 96 -3.71 5.68 -12.29
C VAL A 96 -2.73 5.02 -13.26
N ALA A 97 -2.31 5.78 -14.27
CA ALA A 97 -1.68 5.19 -15.44
C ALA A 97 -0.15 5.32 -15.54
N GLY A 98 0.47 5.92 -14.52
CA GLY A 98 1.92 6.13 -14.55
C GLY A 98 2.75 5.00 -13.98
N GLY A 99 2.10 3.89 -13.60
CA GLY A 99 2.81 2.71 -13.13
C GLY A 99 3.22 2.76 -11.67
N GLU A 100 3.75 1.63 -11.20
CA GLU A 100 4.19 1.50 -9.81
C GLU A 100 5.38 2.35 -9.45
N LEU A 101 5.39 2.85 -8.22
CA LEU A 101 6.59 3.48 -7.67
C LEU A 101 7.75 2.47 -7.73
N PHE A 102 7.44 1.19 -7.52
CA PHE A 102 8.45 0.13 -7.64
C PHE A 102 9.18 0.18 -8.98
N ASP A 103 8.43 0.34 -10.06
CA ASP A 103 9.03 0.35 -11.40
C ASP A 103 9.79 1.64 -11.70
N PHE A 104 9.30 2.75 -11.16
CA PHE A 104 9.94 4.05 -11.31
C PHE A 104 11.30 4.00 -10.64
N LEU A 105 11.35 3.38 -9.46
CA LEU A 105 12.59 3.30 -8.70
C LEU A 105 13.59 2.37 -9.38
N ALA A 106 13.08 1.31 -9.99
CA ALA A 106 13.93 0.34 -10.67
C ALA A 106 14.63 0.97 -11.86
N GLU A 107 13.93 1.87 -12.55
CA GLU A 107 14.42 2.41 -13.82
C GLU A 107 15.48 3.50 -13.67
N LYS A 108 15.71 3.96 -12.44
CA LYS A 108 16.67 5.02 -12.19
C LYS A 108 17.31 4.92 -10.81
N SER A 110 18.23 5.08 -6.88
CA SER A 110 17.96 5.81 -5.64
C SER A 110 17.69 7.28 -5.92
N LEU A 111 16.91 7.90 -5.04
CA LEU A 111 16.50 9.28 -5.26
C LEU A 111 17.30 10.23 -4.38
N THR A 112 17.36 11.50 -4.76
CA THR A 112 17.88 12.53 -3.86
C THR A 112 16.91 12.67 -2.69
N GLU A 113 17.33 13.34 -1.63
CA GLU A 113 16.43 13.55 -0.50
C GLU A 113 15.23 14.39 -0.89
N GLU A 114 15.44 15.34 -1.81
CA GLU A 114 14.32 16.14 -2.30
C GLU A 114 13.31 15.27 -3.05
N GLU A 115 13.79 14.43 -3.95
CA GLU A 115 12.91 13.56 -4.73
C GLU A 115 12.21 12.57 -3.81
N ALA A 116 12.94 12.07 -2.82
CA ALA A 116 12.37 11.12 -1.88
C ALA A 116 11.30 11.77 -1.04
N THR A 117 11.58 12.97 -0.51
CA THR A 117 10.60 13.66 0.31
C THR A 117 9.39 14.13 -0.50
N GLU A 118 9.58 14.38 -1.78
CA GLU A 118 8.45 14.76 -2.65
C GLU A 118 7.46 13.61 -2.74
N PHE A 119 7.97 12.39 -2.88
CA PHE A 119 7.10 11.22 -2.86
C PHE A 119 6.59 11.00 -1.45
N LEU A 120 7.51 11.02 -0.50
CA LEU A 120 7.17 10.64 0.87
C LEU A 120 6.09 11.53 1.44
N LYS A 121 6.15 12.83 1.18
CA LYS A 121 5.15 13.76 1.71
C LYS A 121 3.73 13.41 1.22
N GLN A 122 3.63 12.97 -0.02
CA GLN A 122 2.34 12.54 -0.56
C GLN A 122 1.87 11.26 0.11
N ILE A 123 2.79 10.31 0.30
CA ILE A 123 2.47 9.06 0.99
C ILE A 123 2.00 9.39 2.41
N LEU A 124 2.75 10.26 3.10
CA LEU A 124 2.38 10.64 4.45
C LEU A 124 1.02 11.32 4.49
N ASN A 125 0.71 12.16 3.50
CA ASN A 125 -0.59 12.82 3.47
C ASN A 125 -1.72 11.82 3.28
N GLY A 126 -1.52 10.84 2.41
CA GLY A 126 -2.53 9.82 2.18
C GLY A 126 -2.73 8.98 3.43
N VAL A 127 -1.63 8.59 4.06
CA VAL A 127 -1.72 7.79 5.28
C VAL A 127 -2.32 8.59 6.44
N TYR A 128 -2.02 9.88 6.51
CA TYR A 128 -2.64 10.73 7.52
C TYR A 128 -4.16 10.72 7.38
N TYR A 129 -4.63 10.81 6.14
CA TYR A 129 -6.05 10.73 5.87
C TYR A 129 -6.61 9.38 6.35
N LEU A 130 -5.98 8.29 5.93
CA LEU A 130 -6.42 6.95 6.34
C LEU A 130 -6.44 6.78 7.86
N HIS A 131 -5.33 7.12 8.51
CA HIS A 131 -5.21 6.93 9.96
C HIS A 131 -6.19 7.81 10.71
N SER A 132 -6.47 8.99 10.17
CA SER A 132 -7.49 9.88 10.73
C SER A 132 -8.86 9.20 10.79
N LEU A 133 -9.11 8.32 9.81
CA LEU A 133 -10.35 7.54 9.75
C LEU A 133 -10.19 6.18 10.43
N GLN A 134 -9.10 5.99 11.17
CA GLN A 134 -8.80 4.71 11.84
C GLN A 134 -8.69 3.54 10.87
N ILE A 135 -8.22 3.81 9.66
CA ILE A 135 -7.98 2.75 8.68
C ILE A 135 -6.49 2.44 8.62
N ALA A 136 -6.13 1.20 8.94
CA ALA A 136 -4.78 0.71 8.71
C ALA A 136 -4.74 0.07 7.33
N HIS A 137 -3.72 0.40 6.56
CA HIS A 137 -3.58 -0.16 5.21
C HIS A 137 -3.02 -1.58 5.26
N PHE A 138 -1.98 -1.77 6.06
CA PHE A 138 -1.35 -3.07 6.30
C PHE A 138 -0.60 -3.70 5.12
N ASP A 139 -0.51 -3.00 3.99
CA ASP A 139 0.26 -3.54 2.86
C ASP A 139 0.97 -2.41 2.11
N LEU A 140 1.50 -1.44 2.84
CA LEU A 140 2.23 -0.35 2.18
C LEU A 140 3.61 -0.81 1.69
N LYS A 141 3.90 -0.53 0.43
CA LYS A 141 5.15 -0.91 -0.23
C LYS A 141 5.15 -0.24 -1.59
N PRO A 142 6.33 -0.15 -2.24
CA PRO A 142 6.41 0.60 -3.51
C PRO A 142 5.49 0.05 -4.62
N GLU A 143 5.23 -1.24 -4.63
CA GLU A 143 4.29 -1.83 -5.61
C GLU A 143 2.85 -1.30 -5.45
N ASN A 144 2.52 -0.84 -4.26
CA ASN A 144 1.17 -0.33 -3.97
C ASN A 144 1.06 1.19 -3.96
N ILE A 145 2.06 1.85 -4.51
CA ILE A 145 2.04 3.28 -4.71
C ILE A 145 2.11 3.53 -6.22
N MET A 146 1.07 4.12 -6.78
CA MET A 146 0.98 4.30 -8.22
C MET A 146 1.15 5.76 -8.60
N LEU A 147 1.83 6.01 -9.71
CA LEU A 147 2.07 7.38 -10.17
C LEU A 147 1.00 7.77 -11.18
N LEU A 148 0.54 9.01 -11.13
CA LEU A 148 -0.44 9.48 -12.12
C LEU A 148 0.21 9.70 -13.48
N ASP A 149 1.41 10.27 -13.45
CA ASP A 149 2.15 10.58 -14.66
C ASP A 149 3.63 10.50 -14.29
N ARG A 150 4.33 9.55 -14.87
CA ARG A 150 5.72 9.27 -14.49
C ARG A 150 6.72 10.15 -15.23
N ASN A 151 6.25 10.88 -16.24
CA ASN A 151 7.13 11.73 -17.03
C ASN A 151 7.00 13.21 -16.67
N VAL A 152 6.95 13.48 -15.37
CA VAL A 152 7.04 14.83 -14.83
C VAL A 152 8.12 14.75 -13.75
N PRO A 153 8.74 15.88 -13.39
CA PRO A 153 9.87 15.77 -12.45
C PRO A 153 9.45 15.47 -11.01
N LYS A 154 8.21 15.78 -10.66
CA LYS A 154 7.68 15.49 -9.34
C LYS A 154 6.35 14.74 -9.45
N PRO A 155 6.42 13.44 -9.76
CA PRO A 155 5.21 12.64 -10.00
C PRO A 155 4.24 12.62 -8.82
N ARG A 156 2.95 12.74 -9.11
CA ARG A 156 1.92 12.62 -8.08
C ARG A 156 1.56 11.15 -7.89
N ILE A 157 1.23 10.77 -6.65
CA ILE A 157 0.95 9.37 -6.37
C ILE A 157 -0.39 9.13 -5.70
N LYS A 158 -0.83 7.89 -5.81
CA LYS A 158 -2.00 7.41 -5.09
C LYS A 158 -1.70 6.05 -4.51
N ILE A 159 -2.13 5.86 -3.26
CA ILE A 159 -2.03 4.57 -2.62
C ILE A 159 -3.14 3.65 -3.14
N ILE A 160 -2.76 2.42 -3.50
CA ILE A 160 -3.70 1.41 -4.00
C ILE A 160 -3.68 0.15 -3.14
N ASP A 161 -4.49 -0.82 -3.52
CA ASP A 161 -4.53 -2.17 -2.94
C ASP A 161 -4.89 -2.21 -1.47
N PHE A 162 -6.19 -2.04 -1.22
CA PHE A 162 -6.73 -2.07 0.12
C PHE A 162 -7.19 -3.47 0.55
N GLY A 163 -6.63 -4.50 -0.07
CA GLY A 163 -6.98 -5.89 0.21
C GLY A 163 -6.68 -6.38 1.61
N LEU A 164 -5.79 -5.69 2.31
CA LEU A 164 -5.49 -6.06 3.70
C LEU A 164 -5.94 -5.00 4.69
N ALA A 165 -6.54 -3.92 4.19
CA ALA A 165 -6.88 -2.79 5.05
C ALA A 165 -7.98 -3.13 6.06
N HIS A 166 -7.86 -2.57 7.26
CA HIS A 166 -8.85 -2.81 8.31
C HIS A 166 -9.19 -1.52 9.04
N LYS A 167 -10.45 -1.40 9.44
CA LYS A 167 -10.85 -0.41 10.43
C LYS A 167 -10.31 -0.80 11.80
N ILE A 168 -9.76 0.17 12.51
CA ILE A 168 -9.16 -0.11 13.81
C ILE A 168 -9.95 0.67 14.87
N ASP A 169 -11.16 0.20 15.18
CA ASP A 169 -12.06 0.92 16.09
C ASP A 169 -11.70 0.70 17.56
N PHE A 170 -10.89 -0.32 17.83
CA PHE A 170 -10.52 -0.66 19.20
C PHE A 170 -9.03 -0.49 19.44
N GLY A 171 -8.36 0.32 18.62
CA GLY A 171 -6.94 0.55 18.80
C GLY A 171 -6.06 -0.54 18.22
N ASN A 172 -6.58 -1.76 18.15
CA ASN A 172 -5.85 -2.87 17.52
C ASN A 172 -6.76 -3.97 16.95
N GLU A 173 -6.24 -4.72 15.98
CA GLU A 173 -6.91 -5.89 15.42
C GLU A 173 -6.02 -7.11 15.65
N PHE A 174 -6.62 -8.25 15.98
CA PHE A 174 -5.84 -9.44 16.32
C PHE A 174 -6.29 -10.57 15.39
N LYS A 175 -5.67 -10.63 14.21
CA LYS A 175 -6.28 -11.33 13.06
C LYS A 175 -5.40 -12.25 12.21
N ASN A 176 -4.10 -12.30 12.46
CA ASN A 176 -3.15 -12.98 11.57
C ASN A 176 -3.09 -12.34 10.18
N ILE A 177 -3.37 -11.04 10.15
CA ILE A 177 -3.11 -10.19 9.00
C ILE A 177 -1.60 -10.27 8.73
N PHE A 178 -1.21 -10.42 7.47
CA PHE A 178 0.21 -10.61 7.13
C PHE A 178 0.52 -10.29 5.66
N GLY A 179 1.33 -9.25 5.44
CA GLY A 179 1.69 -8.84 4.09
C GLY A 179 3.03 -9.35 3.57
N THR A 180 3.78 -8.49 2.88
CA THR A 180 5.06 -8.86 2.27
C THR A 180 6.19 -8.78 3.29
N PRO A 181 6.94 -9.88 3.49
CA PRO A 181 7.96 -9.96 4.54
C PRO A 181 8.88 -8.73 4.61
N GLU A 182 9.32 -8.21 3.47
CA GLU A 182 10.25 -7.08 3.47
C GLU A 182 9.70 -5.84 4.16
N PHE A 183 8.38 -5.71 4.18
CA PHE A 183 7.71 -4.48 4.62
C PHE A 183 6.88 -4.60 5.89
N VAL A 184 6.70 -5.81 6.38
CA VAL A 184 5.85 -5.98 7.56
C VAL A 184 6.57 -5.63 8.84
N ALA A 185 5.83 -5.07 9.78
CA ALA A 185 6.36 -4.70 11.10
C ALA A 185 6.58 -5.93 11.98
N PRO A 186 7.40 -5.78 13.03
CA PRO A 186 7.65 -6.93 13.90
C PRO A 186 6.38 -7.51 14.51
N GLU A 187 5.40 -6.68 14.85
CA GLU A 187 4.16 -7.20 15.44
C GLU A 187 3.42 -8.11 14.45
N ILE A 188 3.56 -7.85 13.16
CA ILE A 188 2.98 -8.73 12.15
C ILE A 188 3.73 -10.07 12.13
N VAL A 189 5.06 -9.99 12.07
CA VAL A 189 5.92 -11.18 12.10
C VAL A 189 5.63 -12.05 13.33
N ASN A 190 5.34 -11.41 14.46
CA ASN A 190 5.12 -12.13 15.72
C ASN A 190 3.64 -12.45 16.02
N TYR A 191 2.75 -12.14 15.07
CA TYR A 191 1.34 -12.46 15.19
C TYR A 191 0.71 -11.81 16.42
N GLU A 192 1.08 -10.56 16.65
CA GLU A 192 0.60 -9.80 17.78
C GLU A 192 -0.53 -8.86 17.36
N PRO A 193 -1.22 -8.25 18.34
CA PRO A 193 -2.26 -7.30 17.96
C PRO A 193 -1.68 -6.18 17.11
N LEU A 194 -2.44 -5.74 16.11
CA LEU A 194 -1.95 -4.80 15.10
C LEU A 194 -2.77 -3.53 15.10
N GLY A 195 -2.09 -2.41 14.91
CA GLY A 195 -2.77 -1.13 14.82
C GLY A 195 -2.21 -0.27 13.70
N LEU A 196 -2.49 1.02 13.78
CA LEU A 196 -1.99 1.97 12.79
C LEU A 196 -0.47 2.00 12.76
N GLU A 197 0.16 1.59 13.86
CA GLU A 197 1.61 1.68 13.99
C GLU A 197 2.33 0.83 12.93
N ALA A 198 1.72 -0.29 12.54
CA ALA A 198 2.35 -1.16 11.58
C ALA A 198 2.62 -0.43 10.25
N ASP A 199 1.68 0.42 9.84
CA ASP A 199 1.89 1.24 8.64
C ASP A 199 3.10 2.16 8.76
N MET A 200 3.34 2.71 9.94
CA MET A 200 4.46 3.63 10.11
C MET A 200 5.81 2.91 9.97
N TRP A 201 5.87 1.66 10.45
CA TRP A 201 7.05 0.84 10.19
C TRP A 201 7.27 0.67 8.68
N SER A 202 6.21 0.32 7.96
CA SER A 202 6.33 0.15 6.52
C SER A 202 6.84 1.41 5.82
N ILE A 203 6.36 2.57 6.26
CA ILE A 203 6.84 3.84 5.72
C ILE A 203 8.34 3.99 5.95
N GLY A 204 8.83 3.55 7.12
CA GLY A 204 10.28 3.57 7.39
C GLY A 204 11.06 2.74 6.40
N VAL A 205 10.53 1.56 6.09
CA VAL A 205 11.18 0.68 5.13
C VAL A 205 11.17 1.32 3.75
N ILE A 206 10.02 1.83 3.32
CA ILE A 206 9.93 2.55 2.04
C ILE A 206 10.92 3.70 1.97
N THR A 207 11.04 4.48 3.04
CA THR A 207 11.96 5.62 3.07
C THR A 207 13.41 5.17 2.90
N TYR A 208 13.79 4.12 3.61
CA TYR A 208 15.13 3.53 3.48
C TYR A 208 15.41 3.16 2.01
N ILE A 209 14.45 2.51 1.37
CA ILE A 209 14.60 2.10 -0.03
C ILE A 209 14.70 3.31 -0.96
N LEU A 210 13.84 4.31 -0.75
CA LEU A 210 13.86 5.50 -1.61
C LEU A 210 15.24 6.15 -1.62
N LEU A 211 15.86 6.21 -0.45
CA LEU A 211 17.13 6.91 -0.30
C LEU A 211 18.35 6.13 -0.75
N SER A 212 18.25 4.80 -0.77
CA SER A 212 19.43 3.95 -0.96
C SER A 212 19.36 2.97 -2.14
N GLY A 213 18.15 2.60 -2.54
CA GLY A 213 17.95 1.55 -3.52
C GLY A 213 18.11 0.14 -2.93
N ALA A 214 18.28 0.08 -1.62
CA ALA A 214 18.52 -1.18 -0.92
C ALA A 214 17.41 -1.40 0.10
N SER A 215 17.14 -2.67 0.41
CA SER A 215 16.06 -3.04 1.32
C SER A 215 16.66 -3.38 2.67
N PRO A 216 16.18 -2.74 3.75
CA PRO A 216 16.88 -2.83 5.04
C PRO A 216 16.91 -4.23 5.71
N PHE A 217 15.87 -5.05 5.55
CA PHE A 217 15.78 -6.33 6.25
C PHE A 217 15.85 -7.55 5.34
N LEU A 218 16.02 -7.31 4.04
CA LEU A 218 15.96 -8.39 3.05
C LEU A 218 17.03 -9.45 3.24
N GLY A 219 16.59 -10.68 3.49
CA GLY A 219 17.47 -11.82 3.56
C GLY A 219 17.40 -12.65 2.29
N ASP A 220 18.09 -13.79 2.28
CA ASP A 220 18.10 -14.64 1.09
C ASP A 220 16.86 -15.52 0.97
N THR A 221 16.14 -15.66 2.09
CA THR A 221 14.88 -16.38 2.11
C THR A 221 13.84 -15.58 2.89
N LYS A 222 12.57 -15.94 2.75
CA LYS A 222 11.51 -15.22 3.47
C LYS A 222 11.69 -15.35 4.98
N GLN A 223 12.06 -16.54 5.45
CA GLN A 223 12.23 -16.74 6.88
C GLN A 223 13.37 -15.86 7.43
N GLU A 224 14.44 -15.70 6.66
CA GLU A 224 15.52 -14.80 7.06
C GLU A 224 15.03 -13.35 7.15
N THR A 225 14.29 -12.92 6.13
CA THR A 225 13.74 -11.55 6.14
C THR A 225 12.90 -11.32 7.39
N LEU A 226 12.02 -12.28 7.67
CA LEU A 226 11.13 -12.17 8.83
C LEU A 226 11.90 -12.16 10.15
N ALA A 227 12.92 -13.00 10.25
CA ALA A 227 13.75 -13.02 11.46
C ALA A 227 14.47 -11.68 11.61
N ASN A 228 14.95 -11.13 10.49
CA ASN A 228 15.63 -9.83 10.51
C ASN A 228 14.71 -8.72 10.97
N VAL A 229 13.48 -8.74 10.48
CA VAL A 229 12.48 -7.75 10.89
C VAL A 229 12.24 -7.83 12.38
N SER A 230 12.01 -9.03 12.88
CA SER A 230 11.67 -9.18 14.29
C SER A 230 12.81 -8.74 15.21
N ALA A 231 14.04 -8.92 14.74
CA ALA A 231 15.21 -8.55 15.53
C ALA A 231 15.66 -7.11 15.27
N VAL A 232 14.95 -6.41 14.37
CA VAL A 232 15.35 -5.08 13.92
C VAL A 232 16.81 -5.09 13.46
N ASN A 233 17.11 -6.10 12.65
CA ASN A 233 18.46 -6.30 12.10
C ASN A 233 18.62 -5.51 10.81
N TYR A 234 18.94 -4.23 10.95
CA TYR A 234 19.23 -3.37 9.79
C TYR A 234 20.28 -2.35 10.21
N GLU A 235 20.98 -1.80 9.21
CA GLU A 235 21.91 -0.72 9.47
C GLU A 235 22.00 0.18 8.25
N PHE A 236 22.49 1.41 8.45
CA PHE A 236 22.70 2.33 7.34
C PHE A 236 24.08 2.12 6.74
N GLU A 237 24.17 1.31 5.69
CA GLU A 237 25.47 1.04 5.04
C GLU A 237 26.08 2.31 4.50
N ASP A 238 27.33 2.57 4.88
CA ASP A 238 28.00 3.79 4.43
C ASP A 238 28.06 3.93 2.91
N GLU A 239 28.20 2.81 2.20
CA GLU A 239 28.29 2.87 0.75
C GLU A 239 27.04 3.51 0.16
N TYR A 240 25.91 3.28 0.81
CA TYR A 240 24.63 3.80 0.33
C TYR A 240 24.28 5.15 0.95
N PHE A 241 24.66 5.35 2.21
CA PHE A 241 24.14 6.48 2.97
C PHE A 241 25.18 7.55 3.31
N SER A 242 26.39 7.44 2.75
CA SER A 242 27.49 8.38 3.07
C SER A 242 27.14 9.85 2.85
N ASN A 243 26.36 10.14 1.81
CA ASN A 243 25.95 11.53 1.56
C ASN A 243 24.49 11.82 1.91
N THR A 244 23.89 10.93 2.70
CA THR A 244 22.52 11.13 3.18
C THR A 244 22.58 11.86 4.51
N SER A 245 21.67 12.81 4.70
CA SER A 245 21.70 13.64 5.90
C SER A 245 21.40 12.83 7.15
N ALA A 246 21.94 13.29 8.27
CA ALA A 246 21.68 12.63 9.54
C ALA A 246 20.20 12.72 9.91
N LEU A 247 19.55 13.81 9.49
CA LEU A 247 18.11 13.98 9.78
C LEU A 247 17.28 12.95 9.07
N ALA A 248 17.64 12.61 7.83
CA ALA A 248 16.94 11.57 7.09
C ALA A 248 17.07 10.24 7.81
N LYS A 249 18.29 9.94 8.27
CA LYS A 249 18.52 8.71 9.00
C LYS A 249 17.73 8.71 10.30
N ASP A 250 17.65 9.87 10.96
CA ASP A 250 16.88 10.01 12.20
C ASP A 250 15.40 9.66 11.98
N PHE A 251 14.84 10.16 10.89
CA PHE A 251 13.46 9.89 10.53
C PHE A 251 13.22 8.39 10.40
N ILE A 252 14.07 7.72 9.64
CA ILE A 252 13.98 6.29 9.46
C ILE A 252 14.14 5.56 10.80
N ARG A 253 15.15 5.97 11.57
CA ARG A 253 15.44 5.31 12.83
C ARG A 253 14.27 5.38 13.81
N ARG A 254 13.50 6.46 13.75
CA ARG A 254 12.35 6.60 14.66
C ARG A 254 11.09 5.88 14.20
N LEU A 255 11.15 5.33 12.99
CA LEU A 255 10.07 4.51 12.44
C LEU A 255 10.35 3.01 12.60
N LEU A 256 11.62 2.62 12.43
CA LEU A 256 12.01 1.22 12.50
C LEU A 256 12.32 0.85 13.96
N VAL A 257 11.28 0.97 14.78
CA VAL A 257 11.32 0.78 16.23
C VAL A 257 10.41 -0.41 16.54
N LYS A 258 10.92 -1.40 17.26
CA LYS A 258 10.16 -2.63 17.51
C LYS A 258 8.89 -2.40 18.33
N ASP A 259 9.01 -1.64 19.40
CA ASP A 259 7.85 -1.38 20.26
C ASP A 259 6.92 -0.38 19.56
N PRO A 260 5.71 -0.83 19.18
CA PRO A 260 4.81 0.05 18.41
C PRO A 260 4.47 1.33 19.17
N LYS A 261 4.48 1.29 20.50
CA LYS A 261 4.15 2.47 21.29
C LYS A 261 5.21 3.56 21.23
N LYS A 262 6.43 3.16 20.89
CA LYS A 262 7.57 4.08 20.87
C LYS A 262 7.87 4.58 19.45
N ARG A 263 7.19 3.98 18.47
CA ARG A 263 7.38 4.32 17.07
C ARG A 263 6.72 5.66 16.77
N MET A 264 7.27 6.44 15.84
CA MET A 264 6.59 7.67 15.43
C MET A 264 5.21 7.36 14.86
N THR A 265 4.23 8.19 15.21
CA THR A 265 2.90 8.10 14.61
C THR A 265 2.90 8.89 13.33
N ILE A 266 1.79 8.84 12.60
CA ILE A 266 1.70 9.62 11.37
C ILE A 266 1.83 11.11 11.66
N GLN A 267 1.23 11.56 12.76
CA GLN A 267 1.35 12.97 13.12
C GLN A 267 2.79 13.33 13.48
N ASP A 268 3.46 12.46 14.23
CA ASP A 268 4.89 12.64 14.53
C ASP A 268 5.70 12.80 13.24
N SER A 269 5.41 11.95 12.26
CA SER A 269 6.20 11.94 11.02
C SER A 269 6.06 13.24 10.24
N LEU A 270 4.88 13.85 10.31
CA LEU A 270 4.64 15.11 9.61
C LEU A 270 5.29 16.30 10.32
N GLN A 271 5.55 16.17 11.63
CA GLN A 271 6.19 17.23 12.40
C GLN A 271 7.71 17.03 12.53
N HIS A 272 8.19 15.88 12.09
CA HIS A 272 9.61 15.59 12.15
C HIS A 272 10.39 16.61 11.35
N PRO A 273 11.53 17.06 11.90
CA PRO A 273 12.25 18.17 11.23
C PRO A 273 12.72 17.89 9.79
N TRP A 274 12.84 16.62 9.39
CA TRP A 274 13.19 16.29 8.01
C TRP A 274 12.02 16.60 7.06
N ILE A 275 10.81 16.49 7.57
CA ILE A 275 9.59 16.65 6.76
C ILE A 275 8.94 18.03 6.92
N LYS A 276 8.88 18.50 8.17
CA LYS A 276 8.17 19.73 8.50
C LYS A 276 8.68 20.92 7.69
N PRO A 277 7.79 21.56 6.92
CA PRO A 277 8.10 22.70 6.04
C PRO A 277 8.86 23.81 6.74
#